data_3IB1
#
_entry.id   3IB1
#
_cell.length_a   63.839
_cell.length_b   50.654
_cell.length_c   66.119
_cell.angle_alpha   90.00
_cell.angle_beta   107.56
_cell.angle_gamma   90.00
#
_symmetry.space_group_name_H-M   'P 1 21 1'
#
loop_
_entity.id
_entity.type
_entity.pdbx_description
1 polymer Lactotransferrin
2 branched beta-D-mannopyranose-(1-4)-2-acetamido-2-deoxy-beta-D-glucopyranose-(1-4)-2-acetamido-2-deoxy-beta-D-glucopyranose
3 branched alpha-D-mannopyranose-(1-4)-alpha-D-mannopyranose-(1-4)-alpha-D-mannopyranose-(1-4)-alpha-D-mannopyranose-(1-4)-2-acetamido-2-deoxy-beta-D-glucopyranose-(1-4)-2-acetamido-2-deoxy-beta-D-glucopyranose
4 non-polymer 'ZINC ION'
5 non-polymer 'FE (III) ION'
6 non-polymer 'CARBONATE ION'
7 non-polymer 'SULFATE ION'
8 non-polymer 2-acetamido-2-deoxy-beta-D-glucopyranose
9 non-polymer INDOMETHACIN
10 water water
#
_entity_poly.entity_id   1
_entity_poly.type   'polypeptide(L)'
_entity_poly.pdbx_seq_one_letter_code
;YTRVVWCAVGPEEQKKCQQWSQQSGQNVTCATASTTDDCIVLVLKGEADALNLDGGYIYTAGKCGLVPVLAENRKSSKHS
SLDCVLRPTEGYLAVAVVKKANEGLTWNSLKDKKSCHTAVDRTAGWNIPMGLIVNQTGSCAFDEFFSQSCAPGADPKSRL
CALCAGDDQGLDKCVPNSKEKYYGYTGAFRCLAEDVGDVAFVKNDTVWENTNGESTADWAKNLKREDFRLLCLDGTRKPV
TEAQSCHLAVAPNHAVVSRSDRAAHVEQVLLHQQALFGKNGKNCPDKFCLFKSETKNLLFNDNTECLAKLGGRPTYEEYL
GTEYVTAIANLKKCSTSPLLEACAF
;
_entity_poly.pdbx_strand_id   A
#
loop_
_chem_comp.id
_chem_comp.type
_chem_comp.name
_chem_comp.formula
BMA D-saccharide, beta linking beta-D-mannopyranose 'C6 H12 O6'
CO3 non-polymer 'CARBONATE ION' 'C O3 -2'
FE non-polymer 'FE (III) ION' 'Fe 3'
IMN non-polymer INDOMETHACIN 'C19 H16 Cl N O4'
MAN D-saccharide, alpha linking alpha-D-mannopyranose 'C6 H12 O6'
NAG D-saccharide, beta linking 2-acetamido-2-deoxy-beta-D-glucopyranose 'C8 H15 N O6'
SO4 non-polymer 'SULFATE ION' 'O4 S -2'
ZN non-polymer 'ZINC ION' 'Zn 2'
#
# COMPACT_ATOMS: atom_id res chain seq x y z
N TYR A 1 -1.13 22.68 22.75
CA TYR A 1 0.15 22.02 22.97
C TYR A 1 0.11 20.56 22.35
N THR A 2 -1.01 19.85 22.57
CA THR A 2 -1.24 18.44 22.15
C THR A 2 -1.41 18.04 20.62
N ARG A 3 -1.67 19.04 19.72
CA ARG A 3 -1.98 19.01 18.25
C ARG A 3 -0.95 18.25 17.36
N VAL A 4 -1.50 17.49 16.42
CA VAL A 4 -0.72 16.68 15.49
C VAL A 4 -0.96 17.15 14.06
N VAL A 5 0.10 17.14 13.25
CA VAL A 5 -0.02 17.58 11.85
C VAL A 5 0.13 16.36 10.96
N TRP A 6 -0.94 15.99 10.26
CA TRP A 6 -0.89 14.85 9.37
C TRP A 6 -0.30 15.19 8.01
N CYS A 7 0.37 14.24 7.35
CA CYS A 7 0.80 14.55 5.97
C CYS A 7 -0.03 13.77 4.96
N ALA A 8 -0.71 14.49 4.07
CA ALA A 8 -1.52 13.90 3.02
C ALA A 8 -0.78 13.85 1.69
N VAL A 9 -0.87 12.73 0.98
CA VAL A 9 -0.24 12.61 -0.31
C VAL A 9 -1.22 12.78 -1.47
N GLY A 10 -1.23 13.98 -2.05
CA GLY A 10 -2.08 14.30 -3.22
C GLY A 10 -3.35 14.97 -2.80
N PRO A 11 -4.09 15.55 -3.77
CA PRO A 11 -5.26 16.40 -3.52
C PRO A 11 -6.47 15.73 -2.87
N GLU A 12 -6.62 14.43 -3.10
CA GLU A 12 -7.75 13.67 -2.57
C GLU A 12 -7.53 13.32 -1.11
N GLU A 13 -6.32 12.90 -0.78
CA GLU A 13 -6.00 12.64 0.62
C GLU A 13 -6.05 13.97 1.40
N GLN A 14 -5.70 15.07 0.74
CA GLN A 14 -5.87 16.39 1.35
C GLN A 14 -7.31 16.70 1.77
N LYS A 15 -8.23 16.53 0.84
CA LYS A 15 -9.62 16.90 1.14
C LYS A 15 -10.12 16.06 2.28
N LYS A 16 -9.72 14.80 2.31
CA LYS A 16 -10.13 13.92 3.38
C LYS A 16 -9.51 14.31 4.71
N CYS A 17 -8.25 14.73 4.70
CA CYS A 17 -7.64 15.25 5.90
C CYS A 17 -8.40 16.48 6.39
N GLN A 18 -8.71 17.42 5.50
CA GLN A 18 -9.39 18.63 5.90
C GLN A 18 -10.68 18.39 6.70
N GLN A 19 -11.42 17.35 6.30
CA GLN A 19 -12.61 16.93 7.03
C GLN A 19 -12.32 16.38 8.39
N TRP A 20 -11.37 15.44 8.44
CA TRP A 20 -10.91 14.91 9.70
C TRP A 20 -10.52 16.07 10.57
N SER A 21 -9.80 17.03 10.01
CA SER A 21 -9.31 18.16 10.80
C SER A 21 -10.44 18.95 11.46
N GLN A 22 -11.38 19.37 10.64
CA GLN A 22 -12.53 20.14 11.07
C GLN A 22 -13.40 19.41 12.09
N GLN A 23 -13.65 18.12 11.86
CA GLN A 23 -14.35 17.23 12.80
C GLN A 23 -13.59 16.95 14.09
N SER A 24 -12.27 17.26 14.13
CA SER A 24 -11.43 17.06 15.29
C SER A 24 -11.25 18.29 16.26
N GLY A 25 -11.70 19.52 15.99
CA GLY A 25 -11.47 20.59 16.98
C GLY A 25 -10.02 21.08 16.94
N GLN A 26 -9.55 20.99 15.70
CA GLN A 26 -8.22 21.30 15.26
C GLN A 26 -7.16 20.54 16.11
N ASN A 27 -7.59 19.33 16.65
CA ASN A 27 -6.74 18.38 17.33
C ASN A 27 -5.78 17.83 16.29
N VAL A 28 -6.20 17.79 15.01
CA VAL A 28 -5.35 17.36 13.89
C VAL A 28 -5.49 18.34 12.75
N THR A 29 -4.37 18.83 12.24
CA THR A 29 -4.42 19.73 11.09
C THR A 29 -3.64 19.07 9.96
N CYS A 30 -3.60 19.72 8.79
CA CYS A 30 -3.06 19.07 7.56
C CYS A 30 -1.87 19.72 6.86
N ALA A 31 -0.97 18.88 6.36
CA ALA A 31 0.09 19.26 5.44
C ALA A 31 -0.08 18.34 4.23
N THR A 32 0.32 18.80 3.05
CA THR A 32 0.08 18.06 1.82
C THR A 32 1.34 18.10 1.01
N ALA A 33 1.63 17.01 0.34
CA ALA A 33 2.84 16.91 -0.44
C ALA A 33 2.44 16.05 -1.65
N SER A 34 3.23 16.09 -2.73
CA SER A 34 2.81 15.34 -3.94
C SER A 34 3.26 13.88 -3.93
N THR A 35 4.25 13.55 -3.11
CA THR A 35 4.72 12.18 -3.04
C THR A 35 5.00 11.80 -1.61
N THR A 36 4.97 10.49 -1.39
CA THR A 36 5.28 9.90 -0.11
C THR A 36 6.67 10.32 0.37
N ASP A 37 7.69 10.16 -0.46
CA ASP A 37 9.02 10.68 -0.14
C ASP A 37 8.96 12.17 0.35
N ASP A 38 8.24 13.04 -0.35
CA ASP A 38 8.12 14.44 0.11
C ASP A 38 7.45 14.56 1.46
N CYS A 39 6.52 13.66 1.77
CA CYS A 39 5.93 13.71 3.10
C CYS A 39 6.95 13.26 4.15
N ILE A 40 7.78 12.28 3.80
CA ILE A 40 8.83 11.87 4.74
C ILE A 40 9.76 13.04 5.14
N VAL A 41 10.19 13.79 4.13
CA VAL A 41 11.02 14.98 4.31
C VAL A 41 10.30 16.04 5.17
N LEU A 42 9.02 16.31 4.89
CA LEU A 42 8.25 17.23 5.74
C LEU A 42 8.36 16.79 7.22
N VAL A 43 8.33 15.48 7.45
CA VAL A 43 8.32 14.97 8.82
C VAL A 43 9.66 15.09 9.55
N LEU A 44 10.74 14.82 8.81
CA LEU A 44 12.09 15.03 9.28
C LEU A 44 12.36 16.51 9.64
N LYS A 45 11.80 17.43 8.83
CA LYS A 45 12.08 18.82 8.98
C LYS A 45 11.34 19.25 10.20
N GLY A 46 10.36 18.44 10.61
CA GLY A 46 9.49 18.82 11.73
C GLY A 46 8.30 19.69 11.36
N GLU A 47 7.95 19.75 10.08
CA GLU A 47 6.76 20.49 9.65
C GLU A 47 5.49 19.58 9.57
N ALA A 48 5.67 18.26 9.48
CA ALA A 48 4.56 17.35 9.74
C ALA A 48 4.95 16.40 10.90
N ASP A 49 3.96 15.77 11.55
CA ASP A 49 4.22 14.80 12.60
C ASP A 49 4.17 13.36 12.12
N ALA A 50 3.21 12.96 11.28
CA ALA A 50 3.06 11.52 10.98
C ALA A 50 2.30 11.23 9.71
N LEU A 51 2.40 9.97 9.25
CA LEU A 51 1.52 9.44 8.20
C LEU A 51 1.58 7.92 8.21
N ASN A 52 0.61 7.28 7.56
CA ASN A 52 0.56 5.82 7.46
C ASN A 52 1.35 5.40 6.20
N LEU A 53 2.18 4.35 6.26
CA LEU A 53 3.05 3.94 5.11
C LEU A 53 3.12 2.43 4.75
N ASP A 54 3.25 2.13 3.48
CA ASP A 54 3.48 0.76 3.11
C ASP A 54 4.87 0.35 3.68
N GLY A 55 5.08 -0.94 3.96
CA GLY A 55 6.38 -1.39 4.42
C GLY A 55 7.55 -0.98 3.56
N GLY A 56 7.42 -0.99 2.24
CA GLY A 56 8.52 -0.50 1.43
C GLY A 56 9.01 0.91 1.81
N TYR A 57 8.12 1.80 2.18
CA TYR A 57 8.53 3.17 2.52
C TYR A 57 9.00 3.17 3.99
N ILE A 58 8.49 2.27 4.81
CA ILE A 58 8.94 2.23 6.21
C ILE A 58 10.43 1.92 6.18
N TYR A 59 10.89 1.25 5.15
CA TYR A 59 12.30 0.91 5.07
C TYR A 59 13.08 2.18 4.73
N THR A 60 12.56 3.00 3.82
CA THR A 60 13.13 4.33 3.57
C THR A 60 13.20 5.20 4.84
N ALA A 61 12.03 5.42 5.43
CA ALA A 61 11.86 6.34 6.56
C ALA A 61 12.73 5.95 7.78
N GLY A 62 12.90 4.65 7.99
CA GLY A 62 13.59 4.15 9.15
C GLY A 62 15.07 4.34 9.07
N LYS A 63 15.64 4.27 7.85
CA LYS A 63 17.05 4.65 7.61
C LYS A 63 17.30 6.11 7.91
N CYS A 64 16.27 6.93 7.74
CA CYS A 64 16.34 8.34 8.04
C CYS A 64 15.95 8.60 9.51
N GLY A 65 15.71 7.51 10.25
CA GLY A 65 15.51 7.58 11.70
C GLY A 65 14.08 7.80 12.23
N LEU A 66 13.09 7.57 11.39
CA LEU A 66 11.68 7.62 11.75
C LEU A 66 11.30 6.22 12.32
N VAL A 67 10.24 6.12 13.09
CA VAL A 67 9.88 4.90 13.80
C VAL A 67 8.40 4.58 13.66
N PRO A 68 8.07 3.26 13.61
CA PRO A 68 6.69 2.79 13.60
C PRO A 68 6.05 3.13 14.95
N VAL A 69 4.79 3.49 14.94
CA VAL A 69 4.08 3.96 16.15
C VAL A 69 2.85 3.10 16.48
N LEU A 70 2.03 2.78 15.48
CA LEU A 70 0.81 2.00 15.61
C LEU A 70 0.64 1.38 14.22
N ALA A 71 0.18 0.12 14.13
CA ALA A 71 -0.07 -0.56 12.83
C ALA A 71 -1.54 -0.72 12.50
N GLU A 72 -1.84 -0.99 11.22
CA GLU A 72 -3.24 -1.27 10.79
C GLU A 72 -3.59 -2.76 11.15
N ASN A 73 -4.83 -3.05 11.46
CA ASN A 73 -5.31 -4.40 11.68
C ASN A 73 -6.62 -4.62 10.97
N ARG A 74 -6.67 -5.66 10.23
CA ARG A 74 -7.90 -6.00 9.56
C ARG A 74 -8.52 -7.15 10.32
N LYS A 75 -9.76 -7.53 9.87
CA LYS A 75 -10.59 -8.58 10.43
C LYS A 75 -9.88 -9.92 10.47
N SER A 76 -10.00 -10.57 11.63
CA SER A 76 -9.22 -11.75 12.01
C SER A 76 -10.01 -12.83 12.77
N SER A 77 -9.88 -14.09 12.34
CA SER A 77 -10.64 -15.18 12.91
C SER A 77 -10.01 -15.68 14.20
N LYS A 78 -8.76 -16.15 14.08
CA LYS A 78 -7.98 -16.55 15.25
C LYS A 78 -7.74 -15.33 16.16
N HIS A 79 -7.25 -15.51 17.37
CA HIS A 79 -6.90 -14.35 18.18
C HIS A 79 -8.08 -13.49 18.53
N SER A 80 -9.23 -14.10 18.50
CA SER A 80 -10.47 -13.43 18.82
C SER A 80 -10.74 -13.51 20.31
N SER A 81 -9.75 -14.05 21.05
CA SER A 81 -9.87 -14.11 22.50
C SER A 81 -9.81 -12.61 23.05
N LEU A 82 -9.03 -11.73 22.26
CA LEU A 82 -8.60 -10.30 22.50
C LEU A 82 -9.20 -9.08 21.69
N ASP A 83 -8.86 -7.86 22.21
CA ASP A 83 -9.33 -6.55 21.68
C ASP A 83 -8.45 -6.10 20.50
N CYS A 84 -9.05 -5.49 19.46
CA CYS A 84 -8.29 -5.11 18.26
C CYS A 84 -6.98 -4.37 18.56
N VAL A 85 -7.05 -3.30 19.38
CA VAL A 85 -5.85 -2.49 19.69
C VAL A 85 -4.71 -3.30 20.32
N LEU A 86 -5.04 -4.20 21.28
CA LEU A 86 -3.99 -5.00 21.90
C LEU A 86 -3.71 -6.23 20.96
N ARG A 87 -4.56 -6.49 19.94
CA ARG A 87 -4.48 -7.61 18.97
C ARG A 87 -3.38 -7.51 17.96
N PRO A 88 -2.76 -8.64 17.98
CA PRO A 88 -1.65 -8.89 17.07
C PRO A 88 -1.95 -8.61 15.54
N THR A 89 -1.06 -7.96 14.71
CA THR A 89 -1.28 -7.79 13.23
C THR A 89 -1.02 -9.17 12.58
N GLU A 90 -0.99 -9.34 11.26
CA GLU A 90 -0.76 -10.67 10.69
C GLU A 90 0.07 -10.52 9.45
N GLY A 91 -0.31 -9.54 8.69
CA GLY A 91 0.37 -9.24 7.47
C GLY A 91 -0.40 -9.82 6.34
N TYR A 92 -0.48 -9.02 5.33
CA TYR A 92 -1.25 -9.44 4.20
C TYR A 92 -0.46 -10.30 3.24
N LEU A 93 -1.16 -10.91 2.27
CA LEU A 93 -0.51 -11.78 1.29
C LEU A 93 -0.30 -11.05 -0.02
N ALA A 94 0.91 -11.06 -0.55
CA ALA A 94 1.16 -10.43 -1.81
C ALA A 94 0.97 -11.50 -2.90
N VAL A 95 0.20 -11.17 -3.95
CA VAL A 95 -0.22 -12.09 -5.02
C VAL A 95 0.02 -11.55 -6.42
N ALA A 96 0.05 -12.43 -7.43
CA ALA A 96 0.15 -11.94 -8.80
C ALA A 96 -1.10 -12.40 -9.42
N VAL A 97 -1.82 -11.51 -10.07
CA VAL A 97 -3.14 -11.85 -10.53
C VAL A 97 -3.22 -11.78 -12.08
N VAL A 98 -4.07 -12.60 -12.70
CA VAL A 98 -4.30 -12.60 -14.16
C VAL A 98 -5.77 -12.86 -14.47
N LYS A 99 -6.21 -12.53 -15.69
CA LYS A 99 -7.50 -12.99 -16.21
C LYS A 99 -7.49 -14.49 -16.47
N LYS A 100 -8.60 -15.17 -16.13
CA LYS A 100 -8.76 -16.57 -16.50
C LYS A 100 -8.69 -16.80 -18.01
N ALA A 101 -9.16 -15.82 -18.73
CA ALA A 101 -9.26 -15.87 -20.17
C ALA A 101 -7.94 -15.98 -20.86
N ASN A 102 -6.88 -15.62 -20.14
CA ASN A 102 -5.47 -15.65 -20.67
C ASN A 102 -4.73 -17.01 -20.37
N GLU A 103 -5.17 -18.13 -20.99
CA GLU A 103 -4.49 -19.45 -20.78
C GLU A 103 -3.13 -19.57 -21.42
N GLY A 104 -2.24 -20.14 -20.66
CA GLY A 104 -0.89 -20.22 -21.08
C GLY A 104 -0.07 -19.23 -20.27
N LEU A 105 -0.69 -18.25 -19.62
CA LEU A 105 0.12 -17.30 -18.83
C LEU A 105 0.47 -17.83 -17.43
N THR A 106 1.72 -18.26 -17.24
CA THR A 106 2.15 -18.75 -15.94
C THR A 106 3.27 -17.89 -15.41
N TRP A 107 3.71 -18.13 -14.17
CA TRP A 107 4.86 -17.43 -13.61
C TRP A 107 6.07 -17.63 -14.49
N ASN A 108 6.10 -18.72 -15.24
CA ASN A 108 7.20 -18.96 -16.19
C ASN A 108 7.14 -18.32 -17.55
N SER A 109 6.06 -17.67 -17.91
CA SER A 109 6.06 -16.99 -19.19
C SER A 109 5.62 -15.54 -18.99
N LEU A 110 6.22 -14.88 -18.01
CA LEU A 110 5.89 -13.49 -17.71
C LEU A 110 6.80 -12.51 -18.49
N LYS A 111 7.82 -13.07 -19.11
CA LYS A 111 8.76 -12.29 -19.93
C LYS A 111 8.06 -11.59 -21.09
N ASP A 112 8.41 -10.33 -21.35
CA ASP A 112 7.82 -9.65 -22.48
C ASP A 112 6.28 -9.37 -22.36
N LYS A 113 5.65 -9.64 -21.21
CA LYS A 113 4.18 -9.35 -21.04
C LYS A 113 4.01 -7.96 -20.45
N LYS A 114 2.76 -7.55 -20.26
CA LYS A 114 2.45 -6.19 -19.75
C LYS A 114 2.07 -6.27 -18.27
N SER A 115 2.56 -5.33 -17.45
CA SER A 115 2.34 -5.44 -16.01
C SER A 115 1.81 -4.21 -15.30
N CYS A 116 1.12 -4.45 -14.21
CA CYS A 116 0.46 -3.40 -13.42
C CYS A 116 0.97 -3.42 -12.00
N HIS A 117 1.65 -2.35 -11.58
CA HIS A 117 2.24 -2.28 -10.22
C HIS A 117 1.66 -1.18 -9.37
N THR A 118 1.65 -1.38 -8.06
CA THR A 118 1.02 -0.37 -7.15
C THR A 118 1.75 0.95 -7.28
N ALA A 119 3.02 0.89 -7.06
CA ALA A 119 3.93 2.01 -7.17
C ALA A 119 5.32 1.47 -7.06
N VAL A 120 6.33 2.17 -7.54
CA VAL A 120 7.70 1.75 -7.36
C VAL A 120 7.98 1.84 -5.85
N ASP A 121 8.78 0.85 -5.37
CA ASP A 121 9.28 0.72 -3.94
C ASP A 121 8.23 0.22 -2.93
N ARG A 122 7.02 -0.16 -3.37
CA ARG A 122 6.01 -0.67 -2.43
C ARG A 122 6.19 -2.19 -2.25
N THR A 123 5.66 -2.76 -1.18
CA THR A 123 5.91 -4.17 -0.91
C THR A 123 5.32 -5.17 -1.96
N ALA A 124 4.02 -5.24 -2.00
CA ALA A 124 3.32 -6.11 -2.91
C ALA A 124 3.45 -5.65 -4.38
N GLY A 125 3.44 -4.36 -4.60
CA GLY A 125 3.46 -3.90 -5.99
C GLY A 125 4.85 -3.85 -6.61
N TRP A 126 5.92 -3.84 -5.80
CA TRP A 126 7.25 -3.70 -6.40
C TRP A 126 8.34 -4.56 -5.78
N ASN A 127 8.71 -4.32 -4.53
CA ASN A 127 9.85 -5.06 -3.93
C ASN A 127 9.73 -6.58 -4.02
N ILE A 128 8.56 -7.15 -3.71
CA ILE A 128 8.46 -8.61 -3.76
C ILE A 128 8.65 -9.10 -5.19
N PRO A 129 7.83 -8.63 -6.14
CA PRO A 129 7.83 -9.14 -7.52
C PRO A 129 9.19 -9.03 -8.22
N MET A 130 9.75 -7.82 -8.23
CA MET A 130 11.01 -7.51 -8.86
C MET A 130 12.25 -8.12 -8.17
N GLY A 131 12.19 -8.26 -6.86
CA GLY A 131 13.17 -9.08 -6.15
C GLY A 131 13.21 -10.53 -6.64
N LEU A 132 12.05 -11.14 -6.84
CA LEU A 132 12.05 -12.54 -7.27
C LEU A 132 12.59 -12.62 -8.66
N ILE A 133 12.28 -11.59 -9.44
CA ILE A 133 12.58 -11.66 -10.82
C ILE A 133 14.04 -11.37 -11.09
N VAL A 134 14.61 -10.37 -10.41
CA VAL A 134 16.08 -10.18 -10.41
C VAL A 134 16.80 -11.50 -10.05
N ASN A 135 16.30 -12.19 -9.02
CA ASN A 135 16.92 -13.39 -8.53
C ASN A 135 16.92 -14.48 -9.60
N GLN A 136 15.74 -14.71 -10.19
CA GLN A 136 15.59 -15.78 -11.17
C GLN A 136 16.29 -15.48 -12.47
N THR A 137 16.51 -14.20 -12.74
CA THR A 137 17.14 -13.77 -13.97
C THR A 137 18.65 -13.52 -13.81
N GLY A 138 19.11 -13.39 -12.57
CA GLY A 138 20.42 -12.86 -12.26
C GLY A 138 20.74 -11.61 -13.06
N SER A 139 19.84 -10.64 -13.15
CA SER A 139 20.18 -9.33 -13.72
C SER A 139 19.43 -8.22 -13.02
N CYS A 140 20.03 -7.05 -12.97
CA CYS A 140 19.40 -5.86 -12.42
C CYS A 140 18.64 -5.14 -13.47
N ALA A 141 18.44 -5.79 -14.59
CA ALA A 141 17.78 -5.17 -15.71
C ALA A 141 16.24 -5.28 -15.62
N PHE A 142 15.67 -5.12 -14.42
CA PHE A 142 14.23 -5.18 -14.22
C PHE A 142 13.44 -4.18 -15.07
N ASP A 143 14.10 -3.23 -15.70
CA ASP A 143 13.37 -2.32 -16.59
C ASP A 143 13.15 -2.89 -17.99
N GLU A 144 13.77 -4.03 -18.28
CA GLU A 144 13.71 -4.64 -19.59
C GLU A 144 12.99 -5.98 -19.56
N PHE A 145 12.43 -6.31 -18.42
CA PHE A 145 11.82 -7.61 -18.29
C PHE A 145 10.41 -7.69 -18.88
N PHE A 146 9.59 -6.68 -18.61
CA PHE A 146 8.25 -6.60 -19.16
C PHE A 146 8.30 -5.73 -20.41
N SER A 147 7.39 -5.94 -21.35
CA SER A 147 7.36 -5.08 -22.52
C SER A 147 6.90 -3.65 -22.13
N GLN A 148 5.83 -3.54 -21.33
CA GLN A 148 5.35 -2.22 -20.86
C GLN A 148 4.68 -2.40 -19.52
N SER A 149 4.73 -1.39 -18.68
CA SER A 149 4.07 -1.49 -17.41
C SER A 149 3.42 -0.20 -17.11
N CYS A 150 2.71 -0.19 -15.97
CA CYS A 150 2.44 1.04 -15.27
C CYS A 150 2.99 0.81 -13.83
N ALA A 151 4.05 1.50 -13.53
CA ALA A 151 4.73 1.47 -12.26
C ALA A 151 4.91 2.90 -11.78
N PRO A 152 3.88 3.43 -11.15
CA PRO A 152 3.92 4.79 -10.68
C PRO A 152 5.19 5.15 -9.97
N GLY A 153 5.76 6.32 -10.29
CA GLY A 153 6.99 6.71 -9.62
C GLY A 153 8.24 6.54 -10.49
N ALA A 154 8.14 5.86 -11.65
CA ALA A 154 9.27 5.71 -12.58
C ALA A 154 9.29 6.85 -13.62
N ASP A 155 10.35 6.93 -14.49
CA ASP A 155 10.56 7.98 -15.53
C ASP A 155 9.40 8.05 -16.51
N PRO A 156 8.76 9.24 -16.69
CA PRO A 156 7.51 9.21 -17.49
C PRO A 156 7.46 8.69 -18.93
N LYS A 157 8.58 8.50 -19.62
CA LYS A 157 8.42 7.95 -20.98
C LYS A 157 9.43 6.83 -21.23
N SER A 158 9.60 6.03 -20.17
CA SER A 158 10.28 4.75 -20.17
C SER A 158 9.20 3.77 -20.37
N ARG A 159 9.56 2.56 -20.45
CA ARG A 159 8.45 1.68 -20.67
C ARG A 159 7.72 1.39 -19.37
N LEU A 160 8.32 1.73 -18.24
CA LEU A 160 7.69 1.46 -16.97
C LEU A 160 6.49 2.36 -16.63
N CYS A 161 6.04 3.28 -17.50
CA CYS A 161 4.88 4.14 -17.18
C CYS A 161 3.98 4.11 -18.40
N ALA A 162 4.56 3.47 -19.40
CA ALA A 162 3.97 3.34 -20.71
C ALA A 162 2.49 3.06 -20.65
N LEU A 163 2.02 2.45 -19.60
CA LEU A 163 0.66 2.00 -19.46
C LEU A 163 -0.16 2.89 -18.51
N CYS A 164 0.51 3.82 -17.84
CA CYS A 164 -0.15 4.71 -16.91
C CYS A 164 -0.95 5.80 -17.61
N ALA A 165 -2.00 6.23 -16.98
CA ALA A 165 -2.97 7.05 -17.65
C ALA A 165 -3.11 8.48 -17.16
N GLY A 166 -2.58 8.79 -15.98
CA GLY A 166 -2.63 10.17 -15.38
C GLY A 166 -4.06 10.55 -14.87
N ASP A 167 -4.36 11.84 -14.63
CA ASP A 167 -5.71 12.32 -14.15
C ASP A 167 -6.66 12.71 -15.35
N ASP A 168 -7.98 13.11 -15.02
CA ASP A 168 -9.09 13.30 -16.07
C ASP A 168 -8.59 13.97 -17.37
N GLN A 169 -8.06 15.14 -17.19
CA GLN A 169 -7.40 16.10 -18.05
C GLN A 169 -6.03 15.63 -18.60
N GLY A 170 -5.65 14.36 -18.39
CA GLY A 170 -4.44 13.71 -18.92
C GLY A 170 -3.12 14.17 -18.36
N LEU A 171 -3.21 14.84 -17.24
CA LEU A 171 -2.06 15.42 -16.58
C LEU A 171 -1.56 14.44 -15.49
N ASP A 172 -0.35 14.68 -15.04
CA ASP A 172 0.22 13.87 -13.97
C ASP A 172 0.45 12.37 -14.29
N LYS A 173 0.59 12.00 -15.54
CA LYS A 173 0.77 10.60 -15.94
C LYS A 173 1.88 9.88 -15.09
N CYS A 174 1.53 8.89 -14.23
CA CYS A 174 2.43 8.03 -13.39
C CYS A 174 3.08 8.66 -12.17
N VAL A 175 2.45 9.68 -11.70
CA VAL A 175 2.87 10.25 -10.49
C VAL A 175 2.41 9.27 -9.44
N PRO A 176 3.10 9.23 -8.31
CA PRO A 176 2.76 8.28 -7.24
C PRO A 176 1.86 8.87 -6.16
N ASN A 177 0.67 9.32 -6.56
CA ASN A 177 -0.40 9.65 -5.64
C ASN A 177 -1.66 9.34 -6.43
N SER A 178 -2.81 9.43 -5.80
CA SER A 178 -4.02 8.87 -6.39
C SER A 178 -4.59 9.63 -7.58
N LYS A 179 -3.97 10.70 -8.02
CA LYS A 179 -4.45 11.39 -9.24
C LYS A 179 -4.19 10.48 -10.44
N GLU A 180 -3.06 9.79 -10.41
CA GLU A 180 -2.82 8.75 -11.38
C GLU A 180 -3.94 7.68 -11.22
N LYS A 181 -4.55 7.33 -12.37
CA LYS A 181 -5.67 6.43 -12.44
C LYS A 181 -5.35 4.98 -12.01
N TYR A 182 -4.15 4.51 -12.30
CA TYR A 182 -3.77 3.16 -12.01
C TYR A 182 -2.80 3.08 -10.80
N TYR A 183 -2.86 4.08 -9.89
CA TYR A 183 -2.00 4.17 -8.69
C TYR A 183 -2.43 3.22 -7.54
N GLY A 184 -1.51 2.64 -6.77
CA GLY A 184 -2.01 1.95 -5.55
C GLY A 184 -2.75 0.62 -5.76
N TYR A 185 -3.28 0.00 -4.70
CA TYR A 185 -3.87 -1.36 -4.85
C TYR A 185 -5.03 -1.43 -5.88
N THR A 186 -5.96 -0.49 -5.69
CA THR A 186 -7.12 -0.35 -6.53
C THR A 186 -6.81 0.01 -7.98
N GLY A 187 -5.87 0.92 -8.21
CA GLY A 187 -5.49 1.30 -9.57
C GLY A 187 -4.76 0.17 -10.31
N ALA A 188 -3.85 -0.52 -9.66
CA ALA A 188 -3.16 -1.65 -10.30
C ALA A 188 -4.14 -2.76 -10.67
N PHE A 189 -5.17 -2.99 -9.86
CA PHE A 189 -6.13 -4.03 -10.17
C PHE A 189 -7.04 -3.55 -11.31
N ARG A 190 -7.36 -2.26 -11.30
CA ARG A 190 -8.16 -1.69 -12.39
C ARG A 190 -7.44 -1.82 -13.71
N CYS A 191 -6.13 -1.86 -13.62
CA CYS A 191 -5.27 -1.84 -14.77
C CYS A 191 -5.36 -3.20 -15.51
N LEU A 192 -5.47 -4.26 -14.73
CA LEU A 192 -5.57 -5.59 -15.27
C LEU A 192 -7.04 -5.79 -15.65
N ALA A 193 -7.95 -5.32 -14.78
CA ALA A 193 -9.36 -5.44 -15.05
C ALA A 193 -9.75 -4.85 -16.41
N GLU A 194 -9.14 -3.76 -16.81
CA GLU A 194 -9.57 -3.12 -18.04
C GLU A 194 -8.71 -3.65 -19.14
N ASP A 195 -7.91 -4.65 -18.82
CA ASP A 195 -7.11 -5.32 -19.85
C ASP A 195 -6.03 -4.48 -20.43
N VAL A 196 -5.54 -3.52 -19.66
CA VAL A 196 -4.32 -2.79 -20.01
C VAL A 196 -3.06 -3.66 -19.68
N GLY A 197 -3.03 -4.28 -18.50
CA GLY A 197 -1.91 -5.19 -18.24
C GLY A 197 -2.29 -6.65 -18.38
N ASP A 198 -1.29 -7.53 -18.46
CA ASP A 198 -1.51 -8.97 -18.49
C ASP A 198 -1.55 -9.52 -17.03
N VAL A 199 -0.82 -8.89 -16.07
CA VAL A 199 -0.86 -9.26 -14.64
C VAL A 199 -0.67 -8.00 -13.75
N ALA A 200 -1.23 -8.13 -12.56
CA ALA A 200 -1.19 -7.09 -11.54
C ALA A 200 -0.64 -7.69 -10.24
N PHE A 201 0.25 -6.94 -9.58
CA PHE A 201 0.89 -7.35 -8.34
C PHE A 201 0.29 -6.49 -7.27
N VAL A 202 -0.68 -7.08 -6.57
CA VAL A 202 -1.44 -6.43 -5.50
C VAL A 202 -1.41 -7.39 -4.31
N LYS A 203 -2.42 -7.29 -3.47
CA LYS A 203 -2.50 -8.16 -2.31
C LYS A 203 -3.81 -8.99 -2.41
N ASN A 204 -3.89 -10.10 -1.67
CA ASN A 204 -5.09 -10.94 -1.69
C ASN A 204 -6.37 -10.16 -1.49
N ASP A 205 -6.40 -9.28 -0.50
CA ASP A 205 -7.63 -8.55 -0.16
C ASP A 205 -8.19 -7.81 -1.36
N THR A 206 -7.33 -7.26 -2.20
CA THR A 206 -7.77 -6.34 -3.25
C THR A 206 -8.73 -7.00 -4.25
N VAL A 207 -8.41 -8.20 -4.68
CA VAL A 207 -9.26 -9.03 -5.51
C VAL A 207 -10.69 -9.18 -4.98
N TRP A 208 -10.80 -9.53 -3.70
CA TRP A 208 -12.11 -9.69 -3.02
C TRP A 208 -12.90 -8.39 -2.92
N GLU A 209 -12.24 -7.31 -2.56
CA GLU A 209 -12.91 -6.07 -2.28
C GLU A 209 -13.47 -5.44 -3.53
N ASN A 210 -13.00 -5.91 -4.68
CA ASN A 210 -13.39 -5.31 -5.99
C ASN A 210 -13.99 -6.28 -6.99
N THR A 211 -14.44 -7.43 -6.50
CA THR A 211 -15.23 -8.33 -7.34
C THR A 211 -16.64 -8.61 -6.73
N ASN A 212 -17.58 -9.07 -7.57
CA ASN A 212 -18.85 -9.67 -7.11
C ASN A 212 -19.77 -8.69 -6.41
N GLY A 213 -19.83 -7.46 -6.92
CA GLY A 213 -20.61 -6.42 -6.28
C GLY A 213 -20.09 -5.85 -4.96
N GLU A 214 -18.90 -6.27 -4.59
CA GLU A 214 -18.29 -5.81 -3.34
C GLU A 214 -17.91 -4.32 -3.44
N SER A 215 -17.67 -3.81 -4.67
CA SER A 215 -17.36 -2.41 -4.95
C SER A 215 -18.30 -1.83 -6.00
N THR A 216 -18.87 -0.67 -5.69
CA THR A 216 -20.00 -0.15 -6.46
C THR A 216 -19.53 0.63 -7.68
N ALA A 217 -18.22 0.59 -7.92
CA ALA A 217 -17.62 1.40 -8.97
C ALA A 217 -17.89 0.81 -10.35
N ASP A 218 -18.02 1.77 -11.40
CA ASP A 218 -18.33 1.63 -12.82
C ASP A 218 -17.51 0.52 -13.48
N TRP A 219 -16.19 0.57 -13.28
CA TRP A 219 -15.22 -0.35 -13.89
C TRP A 219 -15.23 -1.73 -13.24
N ALA A 220 -15.86 -1.85 -12.08
CA ALA A 220 -15.70 -3.06 -11.28
C ALA A 220 -17.00 -3.77 -10.88
N LYS A 221 -18.14 -3.11 -11.03
CA LYS A 221 -19.39 -3.67 -10.55
C LYS A 221 -19.80 -4.96 -11.30
N ASN A 222 -19.24 -5.17 -12.49
CA ASN A 222 -19.47 -6.38 -13.25
C ASN A 222 -18.31 -7.35 -13.17
N LEU A 223 -17.43 -7.16 -12.20
CA LEU A 223 -16.31 -8.09 -12.09
C LEU A 223 -16.66 -9.29 -11.22
N LYS A 224 -16.08 -10.42 -11.58
CA LYS A 224 -16.49 -11.61 -10.93
C LYS A 224 -15.25 -12.44 -10.59
N ARG A 225 -15.18 -12.87 -9.34
CA ARG A 225 -14.06 -13.63 -8.83
C ARG A 225 -13.55 -14.76 -9.71
N GLU A 226 -14.47 -15.56 -10.26
CA GLU A 226 -14.11 -16.74 -11.08
C GLU A 226 -13.37 -16.39 -12.40
N ASP A 227 -13.41 -15.11 -12.81
CA ASP A 227 -12.70 -14.65 -14.01
C ASP A 227 -11.18 -14.40 -13.83
N PHE A 228 -10.65 -14.62 -12.63
CA PHE A 228 -9.28 -14.31 -12.31
C PHE A 228 -8.51 -15.58 -11.87
N ARG A 229 -7.19 -15.58 -12.03
CA ARG A 229 -6.36 -16.62 -11.40
C ARG A 229 -5.18 -16.02 -10.65
N LEU A 230 -4.70 -16.73 -9.64
CA LEU A 230 -3.43 -16.37 -9.02
C LEU A 230 -2.30 -17.15 -9.71
N LEU A 231 -1.14 -16.51 -9.93
CA LEU A 231 0.05 -17.25 -10.41
C LEU A 231 0.89 -17.70 -9.18
N CYS A 232 1.16 -19.01 -9.12
CA CYS A 232 1.95 -19.57 -8.05
C CYS A 232 3.38 -19.72 -8.52
N LEU A 233 4.32 -19.78 -7.57
CA LEU A 233 5.72 -19.86 -7.96
C LEU A 233 6.13 -21.24 -8.49
N ASP A 234 5.27 -22.24 -8.39
CA ASP A 234 5.66 -23.54 -8.95
C ASP A 234 5.23 -23.73 -10.41
N GLY A 235 4.76 -22.67 -11.06
CA GLY A 235 4.27 -22.76 -12.42
C GLY A 235 2.80 -23.06 -12.63
N THR A 236 1.99 -23.07 -11.58
CA THR A 236 0.58 -23.42 -11.70
C THR A 236 -0.28 -22.17 -11.41
N ARG A 237 -1.59 -22.33 -11.53
CA ARG A 237 -2.56 -21.26 -11.49
C ARG A 237 -3.65 -21.76 -10.58
N LYS A 238 -4.27 -20.88 -9.80
CA LYS A 238 -5.29 -21.34 -8.85
C LYS A 238 -6.39 -20.30 -8.74
N PRO A 239 -7.58 -20.70 -8.29
CA PRO A 239 -8.65 -19.72 -7.94
C PRO A 239 -8.17 -18.76 -6.88
N VAL A 240 -8.84 -17.62 -6.71
CA VAL A 240 -8.45 -16.62 -5.70
C VAL A 240 -8.85 -17.10 -4.32
N THR A 241 -9.42 -18.29 -4.28
CA THR A 241 -9.77 -18.90 -3.01
C THR A 241 -8.54 -19.54 -2.38
N GLU A 242 -7.50 -19.76 -3.17
CA GLU A 242 -6.28 -20.41 -2.68
C GLU A 242 -5.15 -19.51 -2.32
N ALA A 243 -5.42 -18.29 -1.88
CA ALA A 243 -4.31 -17.36 -1.72
C ALA A 243 -3.35 -17.93 -0.69
N GLN A 244 -3.86 -18.77 0.19
CA GLN A 244 -3.02 -19.22 1.29
C GLN A 244 -1.92 -20.21 0.85
N SER A 245 -2.05 -20.79 -0.36
CA SER A 245 -1.04 -21.73 -0.86
C SER A 245 -0.51 -21.29 -2.20
N CYS A 246 -0.87 -20.07 -2.58
CA CYS A 246 -0.40 -19.55 -3.85
C CYS A 246 -0.15 -18.00 -3.81
N HIS A 247 0.75 -17.58 -2.92
CA HIS A 247 1.18 -16.16 -2.76
C HIS A 247 2.69 -16.02 -3.07
N LEU A 248 3.15 -14.77 -3.28
CA LEU A 248 4.59 -14.56 -3.48
C LEU A 248 5.34 -14.38 -2.17
N ALA A 249 4.62 -13.93 -1.16
CA ALA A 249 5.19 -13.65 0.16
C ALA A 249 4.07 -13.09 1.08
N VAL A 250 4.29 -13.11 2.39
CA VAL A 250 3.46 -12.35 3.31
C VAL A 250 4.13 -11.04 3.71
N ALA A 251 3.32 -10.00 3.90
CA ALA A 251 3.83 -8.64 3.98
C ALA A 251 3.40 -7.96 5.27
N PRO A 252 4.29 -7.16 5.84
CA PRO A 252 3.99 -6.40 7.07
C PRO A 252 2.90 -5.36 6.82
N ASN A 253 1.96 -5.25 7.76
CA ASN A 253 0.90 -4.27 7.66
C ASN A 253 1.43 -2.84 7.59
N HIS A 254 0.79 -2.02 6.81
CA HIS A 254 1.07 -0.59 6.76
C HIS A 254 1.03 -0.06 8.18
N ALA A 255 1.88 0.92 8.49
CA ALA A 255 1.98 1.46 9.85
C ALA A 255 2.17 3.00 9.86
N VAL A 256 1.77 3.63 10.94
CA VAL A 256 1.95 5.06 11.10
C VAL A 256 3.35 5.28 11.62
N VAL A 257 4.12 6.12 10.96
CA VAL A 257 5.44 6.45 11.46
C VAL A 257 5.51 7.95 11.84
N SER A 258 6.37 8.26 12.81
CA SER A 258 6.72 9.62 13.12
C SER A 258 8.18 9.68 13.53
N ARG A 259 8.60 10.91 13.77
CA ARG A 259 9.94 11.13 14.25
C ARG A 259 9.96 10.56 15.67
N SER A 260 10.99 9.80 16.04
CA SER A 260 10.94 9.21 17.38
C SER A 260 10.78 10.18 18.56
N ASP A 261 11.32 11.38 18.46
CA ASP A 261 11.09 12.39 19.52
C ASP A 261 9.58 12.76 19.67
N ARG A 262 8.75 12.32 18.72
CA ARG A 262 7.34 12.68 18.63
C ARG A 262 6.41 11.48 18.77
N ALA A 263 7.00 10.30 18.84
CA ALA A 263 6.25 9.06 18.75
C ALA A 263 5.19 8.93 19.85
N ALA A 264 5.51 9.33 21.08
CA ALA A 264 4.60 9.11 22.19
C ALA A 264 3.45 10.03 22.05
N HIS A 265 3.74 11.24 21.61
CA HIS A 265 2.75 12.28 21.53
C HIS A 265 1.69 11.98 20.44
N VAL A 266 2.19 11.54 19.32
CA VAL A 266 1.38 11.07 18.16
C VAL A 266 0.51 9.87 18.52
N GLU A 267 1.09 8.92 19.25
CA GLU A 267 0.39 7.69 19.66
C GLU A 267 -0.81 8.04 20.55
N GLN A 268 -0.49 8.85 21.54
CA GLN A 268 -1.47 9.37 22.46
C GLN A 268 -2.67 9.93 21.66
N VAL A 269 -2.46 10.86 20.71
CA VAL A 269 -3.61 11.53 20.08
C VAL A 269 -4.42 10.65 19.14
N LEU A 270 -3.75 9.77 18.50
CA LEU A 270 -4.41 8.96 17.54
C LEU A 270 -5.32 7.89 18.15
N LEU A 271 -4.93 7.33 19.27
CA LEU A 271 -5.71 6.34 19.99
C LEU A 271 -7.00 6.92 20.45
N HIS A 272 -6.98 8.19 20.77
CA HIS A 272 -8.17 8.97 21.07
C HIS A 272 -8.97 9.38 19.81
N GLN A 273 -8.28 9.59 18.71
CA GLN A 273 -8.99 9.91 17.50
C GLN A 273 -9.75 8.70 16.96
N GLN A 274 -9.13 7.51 17.04
CA GLN A 274 -9.86 6.29 16.67
C GLN A 274 -11.03 5.95 17.61
N ALA A 275 -10.97 6.40 18.87
CA ALA A 275 -12.13 6.31 19.76
C ALA A 275 -13.32 7.17 19.28
N LEU A 276 -13.10 8.20 18.48
CA LEU A 276 -14.25 9.01 18.00
C LEU A 276 -14.64 8.60 16.58
N PHE A 277 -13.64 8.26 15.76
CA PHE A 277 -13.87 8.14 14.33
C PHE A 277 -13.57 6.77 13.77
N GLY A 278 -13.20 5.85 14.64
CA GLY A 278 -12.86 4.52 14.21
C GLY A 278 -14.04 3.62 13.90
N LYS A 279 -13.72 2.33 13.76
CA LYS A 279 -14.69 1.30 13.36
C LYS A 279 -15.96 1.26 14.19
N ASN A 280 -15.88 1.58 15.49
CA ASN A 280 -17.12 1.77 16.27
C ASN A 280 -17.13 3.06 17.10
N GLY A 281 -16.72 4.18 16.50
CA GLY A 281 -16.48 5.39 17.28
C GLY A 281 -17.72 6.20 17.57
N LYS A 282 -17.66 6.97 18.66
CA LYS A 282 -18.72 7.92 19.03
C LYS A 282 -19.40 8.50 17.82
N ASN A 283 -18.60 8.80 16.78
CA ASN A 283 -19.04 9.70 15.74
C ASN A 283 -18.96 9.09 14.37
N CYS A 284 -18.77 7.78 14.32
CA CYS A 284 -18.85 7.03 13.09
C CYS A 284 -19.89 5.93 13.27
N PRO A 285 -20.77 5.79 12.28
CA PRO A 285 -20.63 6.50 11.02
C PRO A 285 -21.52 7.75 10.95
N ASP A 286 -21.77 8.36 12.09
CA ASP A 286 -22.69 9.52 12.14
C ASP A 286 -22.09 10.74 11.47
N LYS A 287 -20.96 11.18 12.00
CA LYS A 287 -20.36 12.38 11.49
C LYS A 287 -19.18 12.10 10.56
N PHE A 288 -18.21 11.30 10.97
CA PHE A 288 -17.02 11.06 10.13
C PHE A 288 -16.34 9.72 10.46
N CYS A 289 -15.91 9.03 9.42
CA CYS A 289 -15.25 7.76 9.57
C CYS A 289 -13.84 7.80 9.01
N LEU A 290 -12.87 7.61 9.89
CA LEU A 290 -11.45 7.60 9.56
C LEU A 290 -11.10 6.53 8.55
N PHE A 291 -11.68 5.36 8.69
CA PHE A 291 -11.30 4.21 7.83
C PHE A 291 -12.24 3.98 6.65
N LYS A 292 -12.67 5.11 5.99
CA LYS A 292 -13.58 5.04 4.84
C LYS A 292 -13.70 6.28 3.87
N SER A 293 -13.74 6.07 2.43
CA SER A 293 -13.45 6.87 1.24
C SER A 293 -13.85 5.82 0.13
N GLU A 294 -14.31 6.14 -1.04
CA GLU A 294 -14.93 5.06 -1.88
C GLU A 294 -13.93 4.01 -2.49
N THR A 295 -13.62 2.87 -1.76
CA THR A 295 -12.61 1.78 -2.07
C THR A 295 -11.29 2.41 -2.47
N LYS A 296 -11.03 3.61 -1.96
CA LYS A 296 -9.84 4.37 -2.32
C LYS A 296 -8.63 4.12 -1.46
N ASN A 297 -8.83 3.89 -0.16
CA ASN A 297 -7.68 3.71 0.75
C ASN A 297 -6.96 5.01 0.93
N LEU A 298 -7.73 6.04 1.25
CA LEU A 298 -7.14 7.36 1.42
C LEU A 298 -6.79 7.55 2.91
N LEU A 299 -5.56 7.95 3.16
CA LEU A 299 -4.93 8.03 4.50
C LEU A 299 -4.72 6.63 5.10
N PHE A 300 -5.78 5.81 5.14
CA PHE A 300 -5.67 4.39 5.56
C PHE A 300 -6.30 3.44 4.54
N ASN A 301 -5.99 2.15 4.59
CA ASN A 301 -6.77 1.13 3.85
C ASN A 301 -8.15 1.02 4.43
N ASP A 302 -9.17 0.96 3.58
CA ASP A 302 -10.54 0.89 4.03
C ASP A 302 -10.91 -0.32 4.80
N ASN A 303 -10.14 -1.39 4.66
CA ASN A 303 -10.49 -2.59 5.45
C ASN A 303 -9.91 -2.56 6.88
N THR A 304 -9.38 -1.40 7.29
CA THR A 304 -8.81 -1.24 8.62
C THR A 304 -9.88 -1.37 9.71
N GLU A 305 -9.70 -2.33 10.59
CA GLU A 305 -10.54 -2.40 11.74
C GLU A 305 -10.10 -1.38 12.77
N CYS A 306 -8.79 -1.29 13.00
CA CYS A 306 -8.27 -0.36 14.02
C CYS A 306 -6.76 -0.21 13.85
N LEU A 307 -6.21 0.83 14.49
CA LEU A 307 -4.77 0.97 14.70
C LEU A 307 -4.32 0.24 15.98
N ALA A 308 -3.34 -0.67 15.84
CA ALA A 308 -2.91 -1.55 16.94
C ALA A 308 -1.59 -1.07 17.54
N LYS A 309 -1.46 -1.25 18.88
CA LYS A 309 -0.23 -0.96 19.66
C LYS A 309 0.79 -1.94 19.22
N LEU A 310 2.00 -1.66 19.46
CA LEU A 310 2.98 -2.53 18.94
C LEU A 310 3.52 -3.31 20.01
N GLY A 311 3.68 -4.56 19.66
CA GLY A 311 4.24 -5.48 20.57
C GLY A 311 5.74 -5.27 20.75
N GLY A 312 6.11 -4.93 21.96
CA GLY A 312 7.51 -4.83 22.35
C GLY A 312 8.32 -3.62 21.90
N ARG A 313 7.80 -2.51 21.43
CA ARG A 313 8.70 -1.42 21.02
C ARG A 313 9.82 -1.83 19.95
N PRO A 314 9.34 -2.04 18.65
CA PRO A 314 10.16 -2.28 17.42
C PRO A 314 11.04 -1.24 16.94
N THR A 315 12.02 -1.73 16.34
CA THR A 315 12.72 -0.81 15.61
C THR A 315 12.09 -1.03 14.27
N TYR A 316 12.34 -0.17 13.31
CA TYR A 316 11.74 -0.42 12.01
C TYR A 316 12.24 -1.75 11.41
N GLU A 317 13.42 -2.18 11.81
CA GLU A 317 14.00 -3.42 11.22
C GLU A 317 13.34 -4.66 11.82
N GLU A 318 13.08 -4.57 13.12
CA GLU A 318 12.37 -5.61 13.82
C GLU A 318 10.95 -5.70 13.34
N TYR A 319 10.32 -4.53 13.10
CA TYR A 319 8.96 -4.53 12.64
C TYR A 319 8.87 -5.05 11.19
N LEU A 320 9.72 -4.58 10.29
CA LEU A 320 9.67 -5.09 8.94
C LEU A 320 10.03 -6.58 8.92
N GLY A 321 10.91 -7.04 9.82
CA GLY A 321 11.31 -8.43 9.80
C GLY A 321 12.65 -8.56 9.05
N THR A 322 13.45 -9.54 9.41
CA THR A 322 14.74 -9.84 8.84
C THR A 322 14.66 -10.37 7.39
N GLU A 323 13.64 -11.16 7.16
CA GLU A 323 13.42 -11.73 5.84
C GLU A 323 13.18 -10.62 4.82
N TYR A 324 12.11 -9.86 5.02
CA TYR A 324 11.81 -8.81 4.07
C TYR A 324 12.96 -7.79 3.98
N VAL A 325 13.63 -7.37 5.06
CA VAL A 325 14.71 -6.38 4.92
C VAL A 325 15.91 -6.92 4.07
N THR A 326 16.23 -8.24 4.07
CA THR A 326 17.33 -8.64 3.20
C THR A 326 16.86 -8.63 1.73
N ALA A 327 15.61 -9.00 1.52
CA ALA A 327 15.00 -8.89 0.20
C ALA A 327 15.25 -7.49 -0.36
N ILE A 328 14.87 -6.46 0.39
CA ILE A 328 15.05 -5.08 -0.08
C ILE A 328 16.49 -4.68 -0.36
N ALA A 329 17.39 -4.90 0.60
CA ALA A 329 18.81 -4.63 0.37
C ALA A 329 19.26 -5.20 -0.97
N ASN A 330 19.08 -6.51 -1.15
CA ASN A 330 19.44 -7.16 -2.42
C ASN A 330 18.90 -6.48 -3.69
N LEU A 331 17.65 -6.03 -3.64
CA LEU A 331 17.10 -5.25 -4.71
C LEU A 331 17.74 -3.84 -4.85
N LYS A 332 18.13 -3.17 -3.76
CA LYS A 332 18.56 -1.79 -3.91
C LYS A 332 19.96 -1.71 -4.46
N LYS A 333 20.75 -2.73 -4.20
CA LYS A 333 22.08 -2.77 -4.80
C LYS A 333 21.98 -2.77 -6.34
N CYS A 334 20.83 -3.16 -6.87
CA CYS A 334 20.55 -3.07 -8.31
C CYS A 334 20.41 -1.68 -8.88
N SER A 335 19.78 -0.76 -8.16
CA SER A 335 19.60 0.55 -8.79
C SER A 335 20.01 1.70 -7.87
N LEU A 340 23.62 0.64 1.66
CA LEU A 340 23.88 0.00 2.91
C LEU A 340 23.73 0.93 4.11
N GLU A 341 24.31 2.16 3.87
CA GLU A 341 24.65 3.12 4.96
C GLU A 341 24.41 4.66 4.78
N ALA A 342 23.25 5.13 4.26
CA ALA A 342 23.02 6.57 4.12
C ALA A 342 21.57 6.83 3.72
N CYS A 343 21.05 7.92 4.27
CA CYS A 343 19.75 8.36 3.92
C CYS A 343 19.82 8.78 2.50
N ALA A 344 18.65 8.48 1.94
CA ALA A 344 18.29 8.72 0.56
C ALA A 344 18.19 10.22 0.38
N PHE A 345 17.83 10.88 1.46
CA PHE A 345 17.77 12.33 1.49
C PHE A 345 18.91 12.86 2.32
C1 NAG B . 16.91 -13.03 -3.73
C2 NAG B . 15.99 -12.85 -2.50
C3 NAG B . 16.78 -12.56 -1.20
C4 NAG B . 18.02 -13.44 -1.08
C5 NAG B . 18.80 -13.14 -2.35
C6 NAG B . 20.22 -13.69 -2.29
C7 NAG B . 13.71 -12.23 -2.64
C8 NAG B . 12.56 -11.24 -2.75
N2 NAG B . 14.96 -11.83 -2.73
O3 NAG B . 15.97 -12.81 -0.06
O4 NAG B . 18.77 -13.11 0.07
O5 NAG B . 18.08 -13.75 -3.39
O6 NAG B . 20.15 -14.99 -1.73
O7 NAG B . 13.47 -13.43 -2.48
C1 NAG B . 19.23 -14.27 0.85
C2 NAG B . 20.30 -13.79 1.84
C3 NAG B . 20.53 -14.69 3.03
C4 NAG B . 19.27 -15.22 3.66
C5 NAG B . 18.21 -15.71 2.66
C6 NAG B . 16.82 -15.63 3.32
C7 NAG B . 22.29 -12.56 1.14
C8 NAG B . 23.54 -12.59 0.29
N2 NAG B . 21.62 -13.72 1.24
O3 NAG B . 21.19 -13.90 4.00
O4 NAG B . 19.69 -16.29 4.49
O5 NAG B . 18.15 -15.01 1.41
O6 NAG B . 16.69 -14.44 4.06
O7 NAG B . 21.95 -11.50 1.68
C1 BMA B . 19.19 -16.07 5.83
C2 BMA B . 18.74 -17.41 6.41
C3 BMA B . 18.58 -17.30 7.92
C4 BMA B . 19.93 -16.88 8.46
C5 BMA B . 20.19 -15.44 8.03
C6 BMA B . 21.57 -14.97 8.44
O2 BMA B . 19.71 -18.41 6.11
O3 BMA B . 18.12 -18.50 8.51
O4 BMA B . 19.93 -17.03 9.85
O5 BMA B . 20.10 -15.27 6.61
O6 BMA B . 22.31 -14.73 7.26
C1 NAG C . -8.21 -12.78 1.17
C2 NAG C . -8.20 -13.59 2.52
C3 NAG C . -9.65 -13.75 2.95
C4 NAG C . -10.42 -12.44 2.97
C5 NAG C . -10.27 -11.65 1.65
C6 NAG C . -10.83 -10.24 1.70
C7 NAG C . -6.48 -15.29 2.96
C8 NAG C . -5.97 -16.64 2.55
N2 NAG C . -7.62 -14.92 2.42
O3 NAG C . -9.71 -14.34 4.25
O4 NAG C . -11.72 -12.90 3.21
O5 NAG C . -8.89 -11.56 1.41
O6 NAG C . -10.60 -9.77 3.02
O7 NAG C . -5.85 -14.61 3.78
C1 NAG C . -12.26 -12.42 4.47
C2 NAG C . -13.73 -12.04 4.31
C3 NAG C . -14.36 -11.63 5.64
C4 NAG C . -14.01 -12.64 6.74
C5 NAG C . -12.50 -12.80 6.73
C6 NAG C . -11.95 -13.60 7.91
C7 NAG C . -14.77 -10.92 2.33
C8 NAG C . -15.21 -9.53 1.98
N2 NAG C . -13.89 -10.97 3.34
O3 NAG C . -15.75 -11.51 5.44
O4 NAG C . -14.43 -12.24 8.04
O5 NAG C . -12.14 -13.37 5.49
O6 NAG C . -11.44 -14.83 7.45
O7 NAG C . -15.19 -11.88 1.69
C1 MAN C . -15.81 -11.84 8.50
C2 MAN C . -16.84 -12.52 9.40
C3 MAN C . -18.26 -12.04 9.03
C4 MAN C . -18.36 -10.72 8.24
C5 MAN C . -17.02 -10.14 7.81
C6 MAN C . -16.97 -8.63 7.54
O2 MAN C . -16.56 -12.21 10.75
O3 MAN C . -19.03 -11.95 10.21
O4 MAN C . -19.09 -10.94 7.04
O5 MAN C . -16.01 -10.48 8.72
O6 MAN C . -16.00 -8.40 6.54
C1 MAN C . -20.27 -10.04 6.52
C2 MAN C . -21.27 -10.72 5.59
C3 MAN C . -20.88 -10.62 4.12
C4 MAN C . -20.08 -9.38 3.69
C5 MAN C . -19.26 -8.73 4.78
C6 MAN C . -18.91 -7.30 4.36
O2 MAN C . -22.58 -10.20 5.77
O3 MAN C . -22.11 -10.60 3.43
O4 MAN C . -19.19 -9.65 2.62
O5 MAN C . -19.93 -8.76 6.03
O6 MAN C . -20.08 -6.52 4.25
C1 MAN C . -19.38 -10.37 1.35
C2 MAN C . -20.75 -10.68 0.78
C3 MAN C . -21.06 -12.18 0.88
C4 MAN C . -19.82 -13.06 1.16
C5 MAN C . -18.55 -12.49 0.49
C6 MAN C . -18.49 -12.85 -1.00
O2 MAN C . -20.82 -10.25 -0.57
O3 MAN C . -21.74 -12.61 -0.28
O4 MAN C . -19.78 -13.38 2.57
O5 MAN C . -18.40 -11.08 0.60
O6 MAN C . -18.51 -11.68 -1.81
C1 MAN C . -20.12 -14.71 3.14
C2 MAN C . -19.97 -14.74 4.66
C3 MAN C . -19.61 -16.15 5.15
C4 MAN C . -20.58 -17.19 4.60
C5 MAN C . -20.81 -16.99 3.10
C6 MAN C . -21.94 -17.91 2.61
O2 MAN C . -21.19 -14.34 5.26
O3 MAN C . -19.62 -16.19 6.56
O4 MAN C . -20.05 -18.48 4.84
O5 MAN C . -21.14 -15.65 2.81
O6 MAN C . -21.63 -19.26 2.89
ZN ZN D . 13.74 -4.82 19.97
ZN ZN E . 3.84 -18.36 2.52
FE FE F . 1.35 -2.51 0.89
C CO3 G . 1.93 -2.45 -1.51
O1 CO3 G . 1.36 -1.45 -0.83
O2 CO3 G . 2.43 -3.54 -0.91
O3 CO3 G . 2.07 -2.31 -2.76
S SO4 H . -7.28 -22.17 -15.31
O1 SO4 H . -6.23 -21.74 -14.39
O2 SO4 H . -6.72 -23.18 -16.21
O3 SO4 H . -8.35 -22.70 -14.45
O4 SO4 H . -7.73 -21.03 -16.10
C1 NAG I . -9.37 17.36 21.49
C2 NAG I . -10.52 16.46 21.88
C3 NAG I . -11.04 16.75 23.28
C4 NAG I . -9.91 16.81 24.29
C5 NAG I . -8.67 17.51 23.76
C6 NAG I . -7.53 16.97 24.60
C7 NAG I . -11.79 15.82 19.96
C8 NAG I . -13.08 15.96 19.20
N2 NAG I . -11.63 16.64 20.99
O3 NAG I . -11.92 15.71 23.69
O4 NAG I . -10.35 17.44 25.47
O5 NAG I . -8.35 17.17 22.43
O6 NAG I . -7.87 15.63 24.90
O7 NAG I . -10.91 15.02 19.64
C IMN J . 7.35 -11.65 13.77
C1 IMN J . 8.82 -11.95 13.68
C2 IMN J . 9.56 -12.10 14.86
C3 IMN J . 8.94 -11.97 16.10
C4 IMN J . 7.57 -11.68 16.20
C5 IMN J . 6.78 -11.54 15.05
C6 IMN J . 11.11 -12.07 17.24
C7 IMN J . 9.13 -12.01 12.22
C8 IMN J . 7.84 -11.77 11.54
C9 IMN J . 5.64 -11.31 12.04
C10 IMN J . 4.46 -11.07 12.94
C11 IMN J . 4.64 -11.10 14.30
C12 IMN J . 3.57 -10.88 15.15
C13 IMN J . 2.32 -10.62 14.63
C14 IMN J . 2.12 -10.59 13.25
C15 IMN J . 3.21 -10.82 12.40
C16 IMN J . 7.63 -11.74 10.05
C17 IMN J . 10.36 -12.34 11.40
C18 IMN J . 11.79 -11.86 11.49
N IMN J . 6.92 -11.58 12.49
O IMN J . 9.67 -12.11 17.26
O1 IMN J . 5.46 -11.29 10.84
O2 IMN J . 12.12 -10.59 11.31
O3 IMN J . 12.69 -12.69 11.61
CL IMN J . 0.97 -10.33 15.77
#